data_4M5G
#
_entry.id   4M5G
#
_cell.length_a   35.875
_cell.length_b   57.417
_cell.length_c   38.327
_cell.angle_alpha   90.00
_cell.angle_beta   113.96
_cell.angle_gamma   90.00
#
_symmetry.space_group_name_H-M   'P 1 21 1'
#
loop_
_entity.id
_entity.type
_entity.pdbx_description
1 polymer '2-amino-4-hydroxy-6-hydroxymethyldihydropteridine pyrophosphokinase'
2 non-polymer 'DIPHOSPHOMETHYLPHOSPHONIC ACID ADENOSYL ESTER'
3 non-polymer 2-amino-8-[(2-oxo-2-phenylethyl)sulfanyl]-1,9-dihydro-6H-purin-6-one
4 non-polymer 'CALCIUM ION'
5 non-polymer 'CHLORIDE ION'
6 water water
#
_entity_poly.entity_id   1
_entity_poly.type   'polypeptide(L)'
_entity_poly.pdbx_seq_one_letter_code
;GSHMTVAYIAIGSNLASPLEQVNAALKALGDIPESHILTVSSFYRTPPLGPQDQPDYLNAAVALETSLAPEELLNHTQRI
ELQQGRVRKAERWGPRTLDLDIMLFGNEVINTERLTVPHYDMKNRGFMLWPLFEIAPELVFPDGEMLRQILHTRAFDKLN
KW
;
_entity_poly.pdbx_strand_id   A
#
loop_
_chem_comp.id
_chem_comp.type
_chem_comp.name
_chem_comp.formula
APC non-polymer 'DIPHOSPHOMETHYLPHOSPHONIC ACID ADENOSYL ESTER' 'C11 H18 N5 O12 P3'
CA non-polymer 'CALCIUM ION' 'Ca 2'
CL non-polymer 'CHLORIDE ION' 'Cl -1'
YH1 non-polymer 2-amino-8-[(2-oxo-2-phenylethyl)sulfanyl]-1,9-dihydro-6H-purin-6-one 'C13 H11 N5 O2 S'
#
# COMPACT_ATOMS: atom_id res chain seq x y z
N MET A 4 -6.73 -14.94 -12.58
CA MET A 4 -6.29 -13.61 -12.21
C MET A 4 -6.84 -13.21 -10.85
N THR A 5 -5.97 -12.63 -10.03
CA THR A 5 -6.31 -12.21 -8.68
C THR A 5 -6.15 -10.70 -8.58
N VAL A 6 -7.04 -10.03 -7.85
CA VAL A 6 -6.85 -8.62 -7.58
C VAL A 6 -6.09 -8.44 -6.27
N ALA A 7 -4.92 -7.81 -6.36
CA ALA A 7 -4.14 -7.43 -5.21
C ALA A 7 -4.36 -5.94 -4.93
N TYR A 8 -4.29 -5.57 -3.67
CA TYR A 8 -4.38 -4.17 -3.29
C TYR A 8 -3.09 -3.77 -2.61
N ILE A 9 -2.48 -2.71 -3.11
CA ILE A 9 -1.18 -2.27 -2.63
C ILE A 9 -1.29 -0.87 -2.03
N ALA A 10 -0.72 -0.71 -0.84
CA ALA A 10 -0.62 0.61 -0.20
C ALA A 10 0.69 1.26 -0.61
N ILE A 11 0.61 2.53 -0.96
CA ILE A 11 1.78 3.29 -1.34
C ILE A 11 1.98 4.40 -0.34
N GLY A 12 3.21 4.54 0.15
CA GLY A 12 3.56 5.66 1.00
C GLY A 12 4.90 6.23 0.61
N SER A 13 5.04 7.55 0.75
CA SER A 13 6.32 8.21 0.56
C SER A 13 6.36 9.47 1.38
N ASN A 14 7.47 9.75 2.05
CA ASN A 14 7.63 11.05 2.71
C ASN A 14 9.02 11.66 2.54
N LEU A 15 9.77 11.18 1.55
CA LEU A 15 11.10 11.73 1.25
C LEU A 15 11.29 11.92 -0.24
N ALA A 16 12.19 12.83 -0.59
CA ALA A 16 12.66 13.02 -1.95
C ALA A 16 11.54 13.27 -2.95
N SER A 17 10.68 14.24 -2.61
CA SER A 17 9.55 14.66 -3.44
C SER A 17 8.53 13.54 -3.60
N PRO A 18 7.70 13.34 -2.56
CA PRO A 18 6.74 12.23 -2.56
C PRO A 18 5.85 12.14 -3.80
N LEU A 19 5.40 13.27 -4.35
CA LEU A 19 4.56 13.20 -5.54
C LEU A 19 5.31 12.55 -6.70
N GLU A 20 6.57 12.94 -6.88
CA GLU A 20 7.41 12.35 -7.92
C GLU A 20 7.63 10.86 -7.66
N GLN A 21 7.87 10.50 -6.40
CA GLN A 21 8.12 9.10 -6.06
C GLN A 21 6.90 8.25 -6.35
N VAL A 22 5.73 8.75 -6.00
CA VAL A 22 4.52 7.98 -6.15
C VAL A 22 4.13 7.85 -7.63
N ASN A 23 4.27 8.93 -8.39
CA ASN A 23 4.03 8.83 -9.83
C ASN A 23 4.98 7.84 -10.50
N ALA A 24 6.25 7.89 -10.13
CA ALA A 24 7.24 6.95 -10.66
C ALA A 24 6.87 5.51 -10.28
N ALA A 25 6.39 5.32 -9.05
CA ALA A 25 6.02 4.00 -8.58
C ALA A 25 4.83 3.47 -9.37
N LEU A 26 3.87 4.34 -9.69
CA LEU A 26 2.71 3.93 -10.46
C LEU A 26 3.10 3.49 -11.86
N LYS A 27 4.03 4.20 -12.49
CA LYS A 27 4.55 3.78 -13.79
CA LYS A 27 4.53 3.77 -13.79
C LYS A 27 5.21 2.41 -13.67
N ALA A 28 6.04 2.24 -12.64
CA ALA A 28 6.75 0.98 -12.43
C ALA A 28 5.79 -0.16 -12.14
N LEU A 29 4.75 0.11 -11.36
CA LEU A 29 3.76 -0.93 -11.07
C LEU A 29 3.09 -1.41 -12.36
N GLY A 30 2.87 -0.48 -13.29
CA GLY A 30 2.31 -0.82 -14.59
C GLY A 30 3.22 -1.70 -15.44
N ASP A 31 4.50 -1.74 -15.11
CA ASP A 31 5.47 -2.54 -15.84
C ASP A 31 5.72 -3.93 -15.24
N ILE A 32 5.04 -4.25 -14.14
CA ILE A 32 5.19 -5.57 -13.54
C ILE A 32 4.60 -6.62 -14.49
N PRO A 33 5.32 -7.74 -14.69
CA PRO A 33 4.79 -8.73 -15.64
C PRO A 33 3.51 -9.41 -15.17
N GLU A 34 2.71 -9.87 -16.13
CA GLU A 34 1.48 -10.62 -15.86
C GLU A 34 0.51 -9.85 -14.98
N SER A 35 0.53 -8.53 -15.08
CA SER A 35 -0.21 -7.67 -14.17
C SER A 35 -0.73 -6.41 -14.86
N HIS A 36 -1.85 -5.88 -14.39
CA HIS A 36 -2.39 -4.60 -14.87
C HIS A 36 -2.98 -3.82 -13.71
N ILE A 37 -2.72 -2.52 -13.67
CA ILE A 37 -3.39 -1.65 -12.72
C ILE A 37 -4.85 -1.48 -13.09
N LEU A 38 -5.74 -1.71 -12.13
CA LEU A 38 -7.17 -1.50 -12.34
C LEU A 38 -7.66 -0.14 -11.88
N THR A 39 -7.11 0.34 -10.77
CA THR A 39 -7.66 1.53 -10.13
C THR A 39 -6.58 2.18 -9.28
N VAL A 40 -6.55 3.51 -9.27
CA VAL A 40 -5.66 4.28 -8.40
C VAL A 40 -6.49 5.24 -7.57
N SER A 41 -6.23 5.30 -6.26
CA SER A 41 -6.94 6.23 -5.40
C SER A 41 -6.45 7.66 -5.61
N SER A 42 -7.13 8.60 -4.95
CA SER A 42 -6.57 9.92 -4.77
C SER A 42 -5.29 9.85 -3.94
N PHE A 43 -4.52 10.94 -3.96
CA PHE A 43 -3.35 11.04 -3.13
C PHE A 43 -3.70 11.85 -1.89
N TYR A 44 -3.26 11.38 -0.73
CA TYR A 44 -3.60 12.01 0.55
C TYR A 44 -2.35 12.43 1.30
N ARG A 45 -2.42 13.58 1.96
CA ARG A 45 -1.32 14.07 2.78
C ARG A 45 -1.66 13.72 4.23
N THR A 46 -0.91 12.80 4.82
CA THR A 46 -1.29 12.21 6.09
C THR A 46 -0.24 12.44 7.19
N PRO A 47 -0.70 12.72 8.42
CA PRO A 47 0.26 12.87 9.53
C PRO A 47 0.88 11.51 9.86
N PRO A 48 2.17 11.50 10.23
CA PRO A 48 2.85 10.21 10.46
C PRO A 48 2.32 9.47 11.68
N LEU A 49 2.09 8.17 11.50
CA LEU A 49 1.80 7.28 12.63
C LEU A 49 3.09 6.59 13.04
N GLY A 50 3.24 6.30 14.32
CA GLY A 50 4.49 5.79 14.84
C GLY A 50 5.35 6.98 15.22
N PRO A 51 6.63 6.99 14.79
CA PRO A 51 7.47 8.16 15.03
C PRO A 51 6.89 9.36 14.29
N GLN A 52 6.87 10.51 14.96
CA GLN A 52 6.19 11.68 14.42
C GLN A 52 7.17 12.77 14.00
N ASP A 53 8.45 12.56 14.28
CA ASP A 53 9.48 13.51 13.90
C ASP A 53 9.96 13.25 12.48
N GLN A 54 9.03 13.35 11.54
CA GLN A 54 9.32 13.12 10.13
C GLN A 54 8.25 13.85 9.33
N PRO A 55 8.50 14.05 8.03
CA PRO A 55 7.51 14.74 7.19
C PRO A 55 6.20 13.97 7.04
N ASP A 56 5.13 14.68 6.74
CA ASP A 56 3.86 14.05 6.38
C ASP A 56 4.05 13.14 5.17
N TYR A 57 3.24 12.09 5.13
CA TYR A 57 3.27 11.12 4.04
C TYR A 57 2.32 11.50 2.90
N LEU A 58 2.68 11.10 1.68
CA LEU A 58 1.70 10.94 0.61
C LEU A 58 1.30 9.47 0.68
N ASN A 59 0.02 9.22 0.88
CA ASN A 59 -0.51 7.86 0.86
C ASN A 59 -1.53 7.68 -0.25
N ALA A 60 -1.52 6.49 -0.85
CA ALA A 60 -2.47 6.10 -1.87
C ALA A 60 -2.66 4.60 -1.83
N ALA A 61 -3.64 4.11 -2.59
CA ALA A 61 -3.87 2.68 -2.77
C ALA A 61 -4.06 2.40 -4.25
N VAL A 62 -3.66 1.21 -4.66
CA VAL A 62 -3.80 0.75 -6.03
C VAL A 62 -4.37 -0.66 -6.05
N ALA A 63 -5.28 -0.90 -6.98
CA ALA A 63 -5.75 -2.24 -7.27
C ALA A 63 -4.99 -2.75 -8.50
N LEU A 64 -4.37 -3.91 -8.36
CA LEU A 64 -3.54 -4.52 -9.40
C LEU A 64 -4.03 -5.93 -9.67
N GLU A 65 -4.49 -6.19 -10.90
CA GLU A 65 -4.87 -7.53 -11.29
C GLU A 65 -3.60 -8.28 -11.73
N THR A 66 -3.42 -9.52 -11.28
CA THR A 66 -2.19 -10.24 -11.57
C THR A 66 -2.37 -11.75 -11.65
N SER A 67 -1.53 -12.40 -12.46
CA SER A 67 -1.48 -13.86 -12.41
CA SER A 67 -1.43 -13.85 -12.49
C SER A 67 -0.18 -14.32 -11.77
N LEU A 68 0.60 -13.37 -11.24
CA LEU A 68 1.79 -13.73 -10.48
C LEU A 68 1.44 -14.42 -9.17
N ALA A 69 2.36 -15.25 -8.68
CA ALA A 69 2.27 -15.76 -7.32
C ALA A 69 2.48 -14.59 -6.36
N PRO A 70 1.90 -14.68 -5.16
CA PRO A 70 2.02 -13.55 -4.20
C PRO A 70 3.48 -13.16 -3.93
N GLU A 71 4.37 -14.13 -3.76
CA GLU A 71 5.77 -13.81 -3.51
C GLU A 71 6.47 -13.23 -4.73
N GLU A 72 5.99 -13.57 -5.93
CA GLU A 72 6.51 -12.97 -7.15
C GLU A 72 6.09 -11.51 -7.23
N LEU A 73 4.86 -11.21 -6.82
CA LEU A 73 4.44 -9.82 -6.75
C LEU A 73 5.32 -9.06 -5.76
N LEU A 74 5.58 -9.67 -4.60
CA LEU A 74 6.47 -9.06 -3.62
C LEU A 74 7.87 -8.79 -4.19
N ASN A 75 8.40 -9.74 -4.95
CA ASN A 75 9.69 -9.53 -5.60
C ASN A 75 9.71 -8.22 -6.37
N HIS A 76 8.65 -7.99 -7.14
CA HIS A 76 8.56 -6.82 -7.98
C HIS A 76 8.31 -5.54 -7.20
N THR A 77 7.52 -5.59 -6.14
CA THR A 77 7.32 -4.37 -5.34
C THR A 77 8.62 -3.98 -4.61
N GLN A 78 9.34 -4.98 -4.12
CA GLN A 78 10.64 -4.72 -3.50
C GLN A 78 11.64 -4.13 -4.50
N ARG A 79 11.62 -4.65 -5.72
CA ARG A 79 12.52 -4.15 -6.74
CA ARG A 79 12.51 -4.15 -6.76
C ARG A 79 12.29 -2.66 -6.97
N ILE A 80 11.02 -2.26 -7.07
CA ILE A 80 10.67 -0.87 -7.31
C ILE A 80 11.12 0.01 -6.15
N GLU A 81 10.87 -0.44 -4.92
CA GLU A 81 11.34 0.28 -3.74
C GLU A 81 12.85 0.49 -3.80
N LEU A 82 13.58 -0.59 -4.06
CA LEU A 82 15.05 -0.50 -4.11
C LEU A 82 15.54 0.41 -5.23
N GLN A 83 14.88 0.35 -6.39
CA GLN A 83 15.30 1.14 -7.53
C GLN A 83 14.96 2.62 -7.35
N GLN A 84 14.03 2.92 -6.44
CA GLN A 84 13.71 4.30 -6.10
C GLN A 84 14.41 4.73 -4.82
N GLY A 85 15.48 4.05 -4.49
CA GLY A 85 16.36 4.52 -3.45
C GLY A 85 15.98 4.14 -2.03
N ARG A 86 15.07 3.18 -1.86
CA ARG A 86 14.73 2.71 -0.52
C ARG A 86 15.94 2.06 0.13
N VAL A 87 16.28 2.51 1.33
CA VAL A 87 17.41 1.94 2.06
C VAL A 87 17.00 1.61 3.49
N ARG A 88 17.41 0.44 3.96
CA ARG A 88 17.15 0.07 5.34
C ARG A 88 17.98 0.91 6.30
N LYS A 89 17.32 1.50 7.28
CA LYS A 89 18.04 2.30 8.27
CA LYS A 89 17.96 2.36 8.29
C LYS A 89 17.80 1.75 9.68
N ALA A 90 18.57 2.25 10.65
CA ALA A 90 18.48 1.78 12.02
C ALA A 90 17.09 2.01 12.63
N GLU A 91 16.58 3.23 12.54
CA GLU A 91 15.33 3.59 13.20
C GLU A 91 14.12 2.87 12.61
N ARG A 92 13.32 2.28 13.50
CA ARG A 92 12.10 1.60 13.13
C ARG A 92 11.07 2.60 12.62
N TRP A 93 10.41 2.27 11.50
CA TRP A 93 9.32 3.10 10.97
C TRP A 93 9.76 4.52 10.65
N GLY A 94 11.00 4.66 10.19
CA GLY A 94 11.52 5.95 9.81
C GLY A 94 11.06 6.38 8.42
N PRO A 95 11.48 7.57 8.01
CA PRO A 95 11.06 8.10 6.71
C PRO A 95 11.62 7.28 5.54
N ARG A 96 10.92 7.30 4.42
CA ARG A 96 11.40 6.57 3.24
C ARG A 96 10.90 7.18 1.96
N THR A 97 11.69 6.97 0.92
CA THR A 97 11.35 7.43 -0.41
C THR A 97 10.12 6.72 -0.97
N LEU A 98 9.97 5.44 -0.66
CA LEU A 98 8.85 4.67 -1.17
C LEU A 98 8.63 3.41 -0.36
N ASP A 99 7.38 3.19 0.03
CA ASP A 99 6.98 1.99 0.73
C ASP A 99 5.80 1.40 -0.04
N LEU A 100 5.94 0.15 -0.47
CA LEU A 100 4.88 -0.57 -1.17
C LEU A 100 4.50 -1.78 -0.33
N ASP A 101 3.38 -1.69 0.37
CA ASP A 101 2.90 -2.79 1.19
C ASP A 101 1.79 -3.53 0.46
N ILE A 102 1.89 -4.85 0.38
CA ILE A 102 0.78 -5.63 -0.17
C ILE A 102 -0.26 -5.77 0.93
N MET A 103 -1.40 -5.09 0.76
CA MET A 103 -2.45 -5.14 1.76
C MET A 103 -3.23 -6.44 1.69
N LEU A 104 -3.62 -6.80 0.47
CA LEU A 104 -4.48 -7.95 0.20
C LEU A 104 -4.06 -8.58 -1.11
N PHE A 105 -4.20 -9.90 -1.19
CA PHE A 105 -3.96 -10.62 -2.43
C PHE A 105 -5.18 -11.51 -2.62
N GLY A 106 -6.19 -10.99 -3.30
CA GLY A 106 -7.49 -11.63 -3.33
C GLY A 106 -7.97 -11.89 -1.92
N ASN A 107 -8.55 -13.07 -1.69
CA ASN A 107 -8.92 -13.48 -0.35
C ASN A 107 -7.93 -14.45 0.25
N GLU A 108 -6.71 -14.45 -0.26
CA GLU A 108 -5.67 -15.35 0.27
C GLU A 108 -5.14 -14.90 1.62
N VAL A 109 -4.79 -15.88 2.45
CA VAL A 109 -4.16 -15.62 3.74
C VAL A 109 -2.78 -16.26 3.70
N ILE A 110 -1.76 -15.44 3.92
CA ILE A 110 -0.39 -15.90 3.77
C ILE A 110 0.44 -15.53 4.97
N ASN A 111 1.18 -16.51 5.49
CA ASN A 111 2.25 -16.27 6.43
C ASN A 111 3.46 -17.11 6.05
N THR A 112 4.30 -16.55 5.19
CA THR A 112 5.60 -17.13 4.85
C THR A 112 6.62 -16.24 5.54
N GLU A 113 7.92 -16.51 5.36
CA GLU A 113 8.93 -15.65 5.97
C GLU A 113 8.93 -14.23 5.39
N ARG A 114 8.76 -14.12 4.08
CA ARG A 114 8.85 -12.82 3.44
C ARG A 114 7.53 -12.04 3.42
N LEU A 115 6.41 -12.72 3.67
CA LEU A 115 5.11 -12.17 3.30
C LEU A 115 3.97 -12.55 4.24
N THR A 116 3.34 -11.53 4.82
CA THR A 116 2.15 -11.72 5.63
C THR A 116 1.01 -10.91 5.02
N VAL A 117 -0.03 -11.60 4.58
CA VAL A 117 -1.19 -10.98 3.94
C VAL A 117 -2.44 -11.62 4.55
N PRO A 118 -3.46 -10.82 4.90
CA PRO A 118 -3.54 -9.35 4.84
C PRO A 118 -2.45 -8.67 5.66
N HIS A 119 -2.07 -7.47 5.25
CA HIS A 119 -1.12 -6.70 6.03
C HIS A 119 -1.58 -6.69 7.49
N TYR A 120 -0.65 -6.99 8.39
CA TYR A 120 -0.99 -7.31 9.77
C TYR A 120 -1.68 -6.19 10.55
N ASP A 121 -1.53 -4.95 10.12
CA ASP A 121 -2.07 -3.82 10.89
C ASP A 121 -2.99 -2.92 10.07
N MET A 122 -3.34 -3.32 8.85
CA MET A 122 -4.07 -2.43 7.97
C MET A 122 -5.44 -2.04 8.51
N LYS A 123 -6.07 -2.92 9.29
CA LYS A 123 -7.40 -2.61 9.81
C LYS A 123 -7.40 -1.54 10.90
N ASN A 124 -6.20 -1.11 11.29
CA ASN A 124 -6.04 -0.07 12.30
C ASN A 124 -5.39 1.20 11.78
N ARG A 125 -5.28 1.32 10.45
CA ARG A 125 -4.58 2.45 9.84
C ARG A 125 -5.47 3.16 8.83
N GLY A 126 -5.95 4.34 9.19
CA GLY A 126 -6.81 5.11 8.31
C GLY A 126 -6.14 5.43 6.98
N PHE A 127 -4.83 5.62 6.99
CA PHE A 127 -4.12 5.99 5.77
C PHE A 127 -4.06 4.83 4.77
N MET A 128 -4.36 3.63 5.25
CA MET A 128 -4.55 2.48 4.36
C MET A 128 -6.03 2.27 4.01
N LEU A 129 -6.90 2.33 5.01
CA LEU A 129 -8.30 1.99 4.80
C LEU A 129 -9.08 3.01 3.97
N TRP A 130 -8.83 4.29 4.18
CA TRP A 130 -9.60 5.28 3.41
C TRP A 130 -9.31 5.24 1.90
N PRO A 131 -8.02 5.18 1.51
CA PRO A 131 -7.79 5.10 0.06
C PRO A 131 -8.28 3.77 -0.51
N LEU A 132 -8.21 2.71 0.28
CA LEU A 132 -8.76 1.42 -0.14
C LEU A 132 -10.28 1.52 -0.37
N PHE A 133 -10.98 2.17 0.55
CA PHE A 133 -12.42 2.35 0.41
C PHE A 133 -12.79 3.17 -0.82
N GLU A 134 -11.94 4.13 -1.17
CA GLU A 134 -12.18 4.97 -2.34
C GLU A 134 -12.19 4.12 -3.62
N ILE A 135 -11.31 3.12 -3.69
CA ILE A 135 -11.19 2.31 -4.89
C ILE A 135 -11.96 0.99 -4.82
N ALA A 136 -12.35 0.57 -3.63
CA ALA A 136 -13.03 -0.72 -3.45
C ALA A 136 -14.04 -0.65 -2.33
N PRO A 137 -15.10 0.15 -2.50
CA PRO A 137 -16.03 0.36 -1.38
C PRO A 137 -16.77 -0.91 -0.94
N GLU A 138 -16.86 -1.91 -1.81
CA GLU A 138 -17.56 -3.15 -1.47
C GLU A 138 -16.65 -4.23 -0.90
N LEU A 139 -15.41 -3.88 -0.61
CA LEU A 139 -14.43 -4.89 -0.20
C LEU A 139 -14.83 -5.63 1.07
N VAL A 140 -14.64 -6.95 1.01
CA VAL A 140 -14.77 -7.82 2.16
C VAL A 140 -13.42 -8.50 2.35
N PHE A 141 -12.95 -8.53 3.59
CA PHE A 141 -11.66 -9.16 3.95
C PHE A 141 -11.76 -10.67 3.93
N PRO A 142 -10.61 -11.37 3.92
CA PRO A 142 -10.66 -12.84 3.91
C PRO A 142 -11.40 -13.44 5.10
N ASP A 143 -11.44 -12.74 6.23
CA ASP A 143 -12.14 -13.25 7.40
C ASP A 143 -13.62 -12.85 7.44
N GLY A 144 -14.12 -12.28 6.34
CA GLY A 144 -15.52 -11.91 6.26
C GLY A 144 -15.86 -10.50 6.74
N GLU A 145 -14.90 -9.81 7.35
CA GLU A 145 -15.18 -8.45 7.81
C GLU A 145 -15.35 -7.53 6.60
N MET A 146 -16.30 -6.61 6.70
CA MET A 146 -16.54 -5.65 5.62
C MET A 146 -15.78 -4.35 5.86
N LEU A 147 -15.11 -3.86 4.82
CA LEU A 147 -14.41 -2.59 4.92
C LEU A 147 -15.34 -1.46 5.35
N ARG A 148 -16.55 -1.45 4.80
CA ARG A 148 -17.50 -0.38 5.14
C ARG A 148 -17.85 -0.41 6.62
N GLN A 149 -17.90 -1.60 7.21
CA GLN A 149 -18.29 -1.72 8.60
C GLN A 149 -17.16 -1.26 9.53
N ILE A 150 -15.93 -1.60 9.16
CA ILE A 150 -14.78 -1.13 9.93
C ILE A 150 -14.76 0.40 9.95
N LEU A 151 -14.95 1.02 8.80
CA LEU A 151 -14.89 2.48 8.72
C LEU A 151 -16.09 3.17 9.35
N HIS A 152 -17.21 2.45 9.43
CA HIS A 152 -18.40 3.03 10.02
C HIS A 152 -18.29 3.00 11.54
N THR A 153 -17.57 1.99 12.04
CA THR A 153 -17.52 1.68 13.48
C THR A 153 -16.31 2.29 14.21
N ARG A 154 -15.15 2.30 13.55
CA ARG A 154 -13.92 2.68 14.23
C ARG A 154 -13.54 4.12 13.96
N ALA A 155 -13.00 4.78 14.99
CA ALA A 155 -12.58 6.15 14.87
C ALA A 155 -11.33 6.22 14.01
N PHE A 156 -11.49 6.81 12.83
CA PHE A 156 -10.36 7.19 12.00
C PHE A 156 -10.60 8.63 11.57
N ASP A 157 -9.55 9.45 11.63
CA ASP A 157 -9.63 10.79 11.08
C ASP A 157 -9.84 10.68 9.57
N LYS A 158 -10.62 11.59 8.99
CA LYS A 158 -10.72 11.60 7.54
C LYS A 158 -9.42 12.14 6.98
N LEU A 159 -9.12 11.82 5.73
CA LEU A 159 -7.86 12.21 5.13
C LEU A 159 -8.00 13.48 4.32
N ASN A 160 -6.91 14.24 4.26
CA ASN A 160 -6.86 15.43 3.44
C ASN A 160 -6.10 15.13 2.15
N LYS A 161 -6.61 15.65 1.03
CA LYS A 161 -5.98 15.43 -0.27
C LYS A 161 -4.60 16.10 -0.34
N TRP A 162 -3.67 15.44 -1.01
CA TRP A 162 -2.33 15.98 -1.22
C TRP A 162 -2.35 17.26 -2.05
PG APC B . 4.82 -1.95 8.56
O1G APC B . 4.49 -1.82 10.02
O2G APC B . 3.94 -1.13 7.64
O3G APC B . 4.96 -3.38 8.12
PB APC B . 7.27 -1.23 7.22
O1B APC B . 6.46 -1.12 5.99
O2B APC B . 8.21 0.04 7.45
O3B APC B . 6.29 -1.30 8.49
PA APC B . 9.46 -2.77 5.91
O1A APC B . 9.01 -1.99 4.74
O2A APC B . 10.88 -2.30 6.46
C3A APC B . 8.25 -2.73 7.24
O5' APC B . 9.50 -4.30 5.37
C5' APC B . 10.17 -5.37 6.03
C4' APC B . 9.74 -6.68 5.38
O4' APC B . 8.31 -6.86 5.43
C3' APC B . 10.03 -6.87 3.90
O3' APC B . 11.38 -7.26 3.66
C2' APC B . 9.03 -7.94 3.47
O2' APC B . 9.69 -9.20 3.32
C1' APC B . 8.10 -8.05 4.67
N9 APC B . 6.65 -8.11 4.41
C8 APC B . 5.84 -8.94 5.09
N7 APC B . 4.55 -8.80 4.70
C5 APC B . 4.56 -7.86 3.74
C6 APC B . 3.51 -7.24 2.92
N6 APC B . 2.24 -7.64 3.09
N1 APC B . 3.90 -6.32 2.04
C2 APC B . 5.18 -5.93 1.91
N3 APC B . 6.20 -6.44 2.62
C4 APC B . 5.93 -7.39 3.54
N01 YH1 C . 1.62 6.96 6.42
C02 YH1 C . 1.53 7.58 7.61
N03 YH1 C . 2.13 7.15 8.71
C04 YH1 C . 2.89 6.03 8.59
C05 YH1 C . 3.04 5.37 7.38
C06 YH1 C . 2.36 5.87 6.25
O07 YH1 C . 2.45 5.27 5.03
N08 YH1 C . 0.71 8.72 7.70
N09 YH1 C . 3.63 5.36 9.50
C10 YH1 C . 4.21 4.33 8.87
N11 YH1 C . 3.85 4.29 7.58
S12 YH1 C . 5.22 3.22 9.72
C13 YH1 C . 4.46 3.07 11.35
C14 YH1 C . 2.99 2.79 11.56
C15 YH1 C . 2.41 2.57 12.94
O16 YH1 C . 2.24 2.74 10.59
C17 YH1 C . 1.04 2.59 13.12
C18 YH1 C . 0.48 2.39 14.38
C19 YH1 C . 1.30 2.17 15.47
C20 YH1 C . 2.68 2.15 15.29
C21 YH1 C . 3.23 2.34 14.03
CA CA D . 6.86 -1.99 3.83
CA CA E . 4.46 0.14 5.79
CL CL F . 6.48 16.31 -3.87
CL CL G . -8.84 -10.68 7.33
CL CL H . -5.35 5.91 11.86
CL CL I . 14.61 5.69 1.82
#